data_5VFZ
#
_entry.id   5VFZ
#
_cell.length_a   133.213
_cell.length_b   50.050
_cell.length_c   60.679
_cell.angle_alpha   90.00
_cell.angle_beta   115.34
_cell.angle_gamma   90.00
#
_symmetry.space_group_name_H-M   'C 1 2 1'
#
loop_
_entity.id
_entity.type
_entity.pdbx_description
1 polymer Gp33
2 non-polymer GLYCEROL
3 non-polymer 'SODIUM ION'
4 non-polymer 'ACETATE ION'
5 water water
#
_entity_poly.entity_id   1
_entity_poly.type   'polypeptide(L)'
_entity_poly.pdbx_seq_one_letter_code
;MTREQTDSPRLVSSGFKGQYPMVNRWRTWQFAQSLSARTVEERVATVRRMAAWCGVEPEFAQVEQIVSWLAEGGNWSART
RWTYYGALSAWFLWLQQQGHRHDNPMVMIGRPKRPKSVPRPVSNLDVQRLLAVRAHKRTKAMILLAAFQGLRVHEIAQIK
GEHLDLIERTMTVTGKGNVTATLPLHHRVVEIAYQMPRRGHWFPGPDRGHQRRESVSGTIKEAMIRAGVVGSAHCLRHWF
GTALLEAGVDLRTVQELMRHQSLTSTEIATRVTDQRRAEGIERLDPFRVAPATRVTDRLLAQIAERDEGAPGAPLSEA
;
_entity_poly.pdbx_strand_id   A
#
loop_
_chem_comp.id
_chem_comp.type
_chem_comp.name
_chem_comp.formula
ACT non-polymer 'ACETATE ION' 'C2 H3 O2 -1'
GOL non-polymer GLYCEROL 'C3 H8 O3'
NA non-polymer 'SODIUM ION' 'Na 1'
#
# COMPACT_ATOMS: atom_id res chain seq x y z
N GLY A 15 -34.88 13.69 29.00
CA GLY A 15 -34.03 13.72 30.17
C GLY A 15 -33.14 12.50 30.29
N PHE A 16 -33.77 11.33 30.44
CA PHE A 16 -33.05 10.06 30.50
C PHE A 16 -32.79 9.45 29.14
N LYS A 17 -33.50 9.89 28.10
CA LYS A 17 -33.25 9.39 26.76
C LYS A 17 -31.77 9.53 26.42
N GLY A 18 -31.23 8.50 25.78
CA GLY A 18 -29.83 8.53 25.39
C GLY A 18 -28.87 8.32 26.53
N GLN A 19 -29.34 8.21 27.76
CA GLN A 19 -28.50 7.83 28.87
C GLN A 19 -28.50 6.32 28.95
N TYR A 20 -27.32 5.74 28.81
CA TYR A 20 -27.14 4.29 28.66
C TYR A 20 -26.24 3.86 29.81
N PRO A 21 -26.81 3.70 31.02
CA PRO A 21 -25.96 3.37 32.19
C PRO A 21 -25.02 2.20 31.97
N MET A 22 -25.44 1.18 31.23
CA MET A 22 -24.59 0.02 31.02
C MET A 22 -23.40 0.35 30.14
N VAL A 23 -23.55 1.29 29.20
CA VAL A 23 -22.40 1.74 28.42
C VAL A 23 -21.35 2.37 29.33
N ASN A 24 -21.79 3.14 30.33
CA ASN A 24 -20.83 3.78 31.22
C ASN A 24 -20.12 2.76 32.09
N ARG A 25 -20.83 1.70 32.49
CA ARG A 25 -20.16 0.61 33.20
C ARG A 25 -19.06 -0.02 32.34
N TRP A 26 -19.35 -0.25 31.06
CA TRP A 26 -18.36 -0.81 30.14
C TRP A 26 -17.19 0.14 29.96
N ARG A 27 -17.49 1.43 29.85
CA ARG A 27 -16.46 2.46 29.76
C ARG A 27 -15.50 2.39 30.96
N THR A 28 -16.05 2.38 32.17
CA THR A 28 -15.21 2.26 33.36
C THR A 28 -14.40 0.98 33.34
N TRP A 29 -15.03 -0.13 32.98
CA TRP A 29 -14.33 -1.41 32.89
C TRP A 29 -13.16 -1.33 31.91
N GLN A 30 -13.38 -0.70 30.75
CA GLN A 30 -12.32 -0.60 29.75
C GLN A 30 -11.13 0.20 30.24
N PHE A 31 -11.40 1.35 30.88
CA PHE A 31 -10.30 2.14 31.43
C PHE A 31 -9.49 1.33 32.43
N ALA A 32 -10.16 0.47 33.20
CA ALA A 32 -9.45 -0.34 34.18
C ALA A 32 -8.59 -1.42 33.53
N GLN A 33 -8.86 -1.76 32.27
CA GLN A 33 -7.98 -2.64 31.51
C GLN A 33 -6.82 -1.87 30.87
N SER A 34 -6.60 -0.62 31.29
CA SER A 34 -5.52 0.24 30.80
C SER A 34 -5.72 0.64 29.34
N LEU A 35 -6.97 0.69 28.88
CA LEU A 35 -7.22 1.17 27.53
C LEU A 35 -7.25 2.69 27.51
N SER A 36 -6.94 3.25 26.34
CA SER A 36 -6.82 4.69 26.20
C SER A 36 -8.17 5.34 25.93
N ALA A 37 -8.26 6.63 26.22
CA ALA A 37 -9.47 7.38 25.91
C ALA A 37 -9.81 7.29 24.43
N ARG A 38 -8.78 7.35 23.57
CA ARG A 38 -8.99 7.25 22.13
C ARG A 38 -9.72 5.96 21.77
N THR A 39 -9.22 4.83 22.27
CA THR A 39 -9.85 3.54 21.98
C THR A 39 -11.25 3.46 22.59
N VAL A 40 -11.37 3.84 23.86
CA VAL A 40 -12.62 3.63 24.58
C VAL A 40 -13.71 4.56 24.06
N GLU A 41 -13.40 5.85 23.89
CA GLU A 41 -14.45 6.79 23.51
C GLU A 41 -14.96 6.50 22.11
N GLU A 42 -14.10 5.96 21.24
CA GLU A 42 -14.54 5.58 19.90
C GLU A 42 -15.48 4.39 19.94
N ARG A 43 -15.17 3.38 20.77
CA ARG A 43 -16.08 2.24 20.92
C ARG A 43 -17.41 2.69 21.50
N VAL A 44 -17.37 3.52 22.54
CA VAL A 44 -18.60 3.95 23.20
C VAL A 44 -19.45 4.78 22.23
N ALA A 45 -18.80 5.63 21.44
CA ALA A 45 -19.53 6.45 20.48
C ALA A 45 -20.22 5.58 19.43
N THR A 46 -19.57 4.50 19.01
CA THR A 46 -20.16 3.57 18.06
C THR A 46 -21.40 2.88 18.64
N VAL A 47 -21.29 2.37 19.87
CA VAL A 47 -22.45 1.72 20.48
C VAL A 47 -23.59 2.70 20.66
N ARG A 48 -23.28 3.94 21.07
CA ARG A 48 -24.33 4.94 21.21
C ARG A 48 -24.96 5.31 19.88
N ARG A 49 -24.14 5.42 18.82
N ARG A 49 -24.13 5.42 18.83
CA ARG A 49 -24.68 5.74 17.51
CA ARG A 49 -24.63 5.73 17.50
C ARG A 49 -25.65 4.67 17.05
C ARG A 49 -25.63 4.67 17.04
N MET A 50 -25.26 3.40 17.17
CA MET A 50 -26.16 2.31 16.82
C MET A 50 -27.45 2.37 17.63
N ALA A 51 -27.33 2.60 18.94
CA ALA A 51 -28.51 2.59 19.80
C ALA A 51 -29.47 3.71 19.43
N ALA A 52 -28.96 4.93 19.23
CA ALA A 52 -29.83 6.05 18.87
C ALA A 52 -30.49 5.82 17.52
N TRP A 53 -29.74 5.30 16.54
CA TRP A 53 -30.29 5.10 15.22
C TRP A 53 -31.35 4.00 15.23
N CYS A 54 -31.09 2.92 15.97
CA CYS A 54 -32.06 1.82 16.05
C CYS A 54 -33.24 2.16 16.95
N GLY A 55 -33.10 3.14 17.84
CA GLY A 55 -34.16 3.43 18.80
C GLY A 55 -34.31 2.38 19.88
N VAL A 56 -33.20 1.84 20.37
CA VAL A 56 -33.20 0.76 21.34
C VAL A 56 -32.11 1.02 22.37
N GLU A 57 -32.32 0.51 23.57
CA GLU A 57 -31.25 0.53 24.57
C GLU A 57 -30.13 -0.40 24.10
N PRO A 58 -28.87 0.03 24.11
CA PRO A 58 -27.83 -0.76 23.44
C PRO A 58 -27.68 -2.18 23.98
N GLU A 59 -27.94 -2.40 25.27
CA GLU A 59 -27.76 -3.74 25.81
C GLU A 59 -28.87 -4.69 25.38
N PHE A 60 -29.95 -4.19 24.77
CA PHE A 60 -31.07 -5.01 24.35
C PHE A 60 -31.21 -5.11 22.83
N ALA A 61 -30.25 -4.55 22.07
CA ALA A 61 -30.34 -4.61 20.62
C ALA A 61 -30.38 -6.05 20.14
N GLN A 62 -31.22 -6.30 19.14
CA GLN A 62 -31.39 -7.63 18.57
C GLN A 62 -30.70 -7.73 17.22
N VAL A 63 -30.46 -8.98 16.80
CA VAL A 63 -29.71 -9.25 15.57
C VAL A 63 -30.20 -8.37 14.41
N GLU A 64 -31.50 -8.40 14.15
CA GLU A 64 -31.99 -7.73 12.94
C GLU A 64 -31.81 -6.22 13.03
N GLN A 65 -31.89 -5.65 14.22
CA GLN A 65 -31.60 -4.22 14.37
C GLN A 65 -30.14 -3.93 14.05
N ILE A 66 -29.23 -4.75 14.56
CA ILE A 66 -27.81 -4.53 14.31
C ILE A 66 -27.49 -4.71 12.84
N VAL A 67 -28.06 -5.74 12.20
CA VAL A 67 -27.86 -5.94 10.77
C VAL A 67 -28.38 -4.72 10.01
N SER A 68 -29.57 -4.24 10.37
CA SER A 68 -30.11 -3.05 9.72
C SER A 68 -29.16 -1.87 9.86
N TRP A 69 -28.63 -1.64 11.07
CA TRP A 69 -27.75 -0.50 11.27
C TRP A 69 -26.46 -0.65 10.48
N LEU A 70 -25.89 -1.85 10.44
CA LEU A 70 -24.65 -2.03 9.70
C LEU A 70 -24.86 -1.89 8.20
N ALA A 71 -26.07 -2.16 7.70
CA ALA A 71 -26.37 -2.03 6.28
C ALA A 71 -26.89 -0.65 5.91
N GLU A 72 -27.63 0.00 6.81
CA GLU A 72 -28.39 1.20 6.45
C GLU A 72 -28.16 2.39 7.36
N GLY A 73 -27.48 2.23 8.49
CA GLY A 73 -27.29 3.36 9.40
C GLY A 73 -26.38 4.44 8.87
N GLY A 74 -25.68 4.16 7.78
CA GLY A 74 -24.82 5.13 7.14
C GLY A 74 -24.27 4.49 5.89
N ASN A 75 -23.71 5.32 5.03
CA ASN A 75 -23.03 4.81 3.84
C ASN A 75 -21.56 4.61 4.19
N TRP A 76 -21.33 3.61 5.04
CA TRP A 76 -20.01 3.39 5.62
C TRP A 76 -19.04 2.89 4.56
N SER A 77 -17.78 3.33 4.67
CA SER A 77 -16.70 2.68 3.95
C SER A 77 -16.51 1.26 4.49
N ALA A 78 -15.73 0.47 3.75
CA ALA A 78 -15.44 -0.89 4.20
C ALA A 78 -14.66 -0.86 5.51
N ARG A 79 -13.74 0.09 5.64
CA ARG A 79 -12.96 0.24 6.87
C ARG A 79 -13.85 0.61 8.04
N THR A 80 -14.74 1.60 7.83
CA THR A 80 -15.64 2.01 8.91
C THR A 80 -16.54 0.87 9.35
N ARG A 81 -17.11 0.14 8.39
CA ARG A 81 -17.99 -0.97 8.74
C ARG A 81 -17.24 -2.05 9.50
N TRP A 82 -16.00 -2.32 9.09
CA TRP A 82 -15.17 -3.29 9.80
C TRP A 82 -14.92 -2.86 11.24
N THR A 83 -14.53 -1.60 11.42
CA THR A 83 -14.26 -1.06 12.75
C THR A 83 -15.52 -1.08 13.61
N TYR A 84 -16.68 -0.68 13.05
CA TYR A 84 -17.92 -0.68 13.80
C TYR A 84 -18.30 -2.08 14.25
N TYR A 85 -18.16 -3.07 13.35
CA TYR A 85 -18.46 -4.44 13.72
C TYR A 85 -17.60 -4.88 14.91
N GLY A 86 -16.33 -4.45 14.94
CA GLY A 86 -15.44 -4.84 16.02
C GLY A 86 -15.83 -4.21 17.34
N ALA A 87 -16.26 -2.96 17.31
CA ALA A 87 -16.71 -2.28 18.53
C ALA A 87 -17.98 -2.92 19.07
N LEU A 88 -18.93 -3.24 18.18
CA LEU A 88 -20.15 -3.91 18.61
C LEU A 88 -19.84 -5.30 19.14
N SER A 89 -18.90 -6.01 18.51
CA SER A 89 -18.50 -7.32 19.01
CA SER A 89 -18.50 -7.32 19.01
C SER A 89 -17.89 -7.22 20.40
N ALA A 90 -17.06 -6.21 20.64
CA ALA A 90 -16.48 -6.05 21.98
C ALA A 90 -17.56 -5.77 23.02
N TRP A 91 -18.54 -4.95 22.66
CA TRP A 91 -19.64 -4.60 23.56
C TRP A 91 -20.48 -5.82 23.91
N PHE A 92 -20.94 -6.56 22.91
CA PHE A 92 -21.84 -7.66 23.19
C PHE A 92 -21.10 -8.83 23.82
N LEU A 93 -19.84 -9.04 23.47
CA LEU A 93 -19.05 -10.07 24.14
C LEU A 93 -18.87 -9.73 25.61
N TRP A 94 -18.58 -8.47 25.92
CA TRP A 94 -18.48 -8.03 27.30
C TRP A 94 -19.79 -8.21 28.04
N LEU A 95 -20.92 -7.85 27.42
CA LEU A 95 -22.21 -8.04 28.08
C LEU A 95 -22.41 -9.49 28.49
N GLN A 96 -22.11 -10.41 27.56
CA GLN A 96 -22.29 -11.83 27.83
C GLN A 96 -21.26 -12.33 28.84
N GLN A 97 -19.99 -11.96 28.68
CA GLN A 97 -18.96 -12.46 29.57
C GLN A 97 -19.21 -12.03 31.01
N GLN A 98 -19.71 -10.83 31.21
CA GLN A 98 -19.99 -10.32 32.55
C GLN A 98 -21.32 -10.83 33.12
N GLY A 99 -22.07 -11.64 32.38
CA GLY A 99 -23.29 -12.19 32.89
C GLY A 99 -24.49 -11.28 32.82
N HIS A 100 -24.41 -10.18 32.06
CA HIS A 100 -25.54 -9.25 31.94
C HIS A 100 -26.54 -9.71 30.89
N ARG A 101 -26.10 -10.47 29.91
CA ARG A 101 -26.96 -10.90 28.81
C ARG A 101 -26.58 -12.31 28.40
N HIS A 102 -27.57 -13.20 28.29
CA HIS A 102 -27.27 -14.60 28.04
C HIS A 102 -26.71 -14.81 26.64
N ASP A 103 -27.23 -14.09 25.65
CA ASP A 103 -26.86 -14.29 24.26
C ASP A 103 -25.87 -13.21 23.81
N ASN A 104 -25.28 -13.46 22.64
CA ASN A 104 -24.44 -12.48 21.95
C ASN A 104 -24.96 -12.37 20.51
N PRO A 105 -25.66 -11.30 20.14
CA PRO A 105 -26.25 -11.25 18.80
C PRO A 105 -25.23 -11.23 17.68
N MET A 106 -23.98 -10.86 17.94
CA MET A 106 -22.98 -10.78 16.87
C MET A 106 -22.60 -12.15 16.36
N VAL A 107 -22.85 -13.21 17.14
CA VAL A 107 -22.63 -14.57 16.66
C VAL A 107 -23.45 -14.85 15.41
N MET A 108 -24.59 -14.18 15.25
CA MET A 108 -25.47 -14.40 14.11
C MET A 108 -25.17 -13.51 12.93
N ILE A 109 -24.13 -12.68 13.03
CA ILE A 109 -23.85 -11.63 12.04
C ILE A 109 -22.47 -11.90 11.46
N GLY A 110 -22.40 -12.17 10.17
CA GLY A 110 -21.12 -12.43 9.54
C GLY A 110 -20.27 -11.18 9.50
N ARG A 111 -18.97 -11.38 9.64
CA ARG A 111 -18.04 -10.26 9.60
C ARG A 111 -18.17 -9.54 8.26
N PRO A 112 -18.06 -8.21 8.23
CA PRO A 112 -18.11 -7.50 6.95
C PRO A 112 -16.81 -7.71 6.18
N LYS A 113 -16.81 -7.20 4.95
CA LYS A 113 -15.63 -7.32 4.09
C LYS A 113 -14.41 -6.75 4.79
N ARG A 114 -13.39 -7.58 4.95
CA ARG A 114 -12.13 -7.14 5.52
C ARG A 114 -11.57 -5.99 4.68
N PRO A 115 -11.21 -4.86 5.30
CA PRO A 115 -10.67 -3.75 4.52
C PRO A 115 -9.21 -3.97 4.14
N LYS A 116 -8.81 -3.30 3.06
CA LYS A 116 -7.42 -3.37 2.63
C LYS A 116 -6.49 -2.86 3.72
N SER A 117 -5.53 -3.70 4.10
CA SER A 117 -4.50 -3.29 5.04
C SER A 117 -3.48 -2.42 4.32
N VAL A 118 -3.29 -1.19 4.80
CA VAL A 118 -2.38 -0.23 4.18
C VAL A 118 -0.97 -0.41 4.71
N PRO A 119 -0.05 -1.01 3.95
CA PRO A 119 1.29 -1.27 4.47
C PRO A 119 2.07 0.03 4.66
N ARG A 120 3.17 -0.09 5.40
CA ARG A 120 4.04 1.06 5.63
C ARG A 120 4.74 1.44 4.34
N PRO A 121 4.54 2.64 3.81
CA PRO A 121 5.26 3.04 2.60
C PRO A 121 6.76 3.18 2.86
N VAL A 122 7.56 2.72 1.91
CA VAL A 122 8.99 2.96 1.97
C VAL A 122 9.25 4.46 1.92
N SER A 123 10.16 4.94 2.76
CA SER A 123 10.47 6.35 2.87
C SER A 123 11.77 6.68 2.15
N ASN A 124 12.00 7.98 1.92
CA ASN A 124 13.26 8.42 1.34
C ASN A 124 14.44 7.95 2.17
N LEU A 125 14.32 8.01 3.50
CA LEU A 125 15.42 7.56 4.35
C LEU A 125 15.65 6.07 4.20
N ASP A 126 14.57 5.29 4.07
CA ASP A 126 14.71 3.86 3.79
C ASP A 126 15.55 3.63 2.55
N VAL A 127 15.26 4.35 1.47
CA VAL A 127 15.98 4.17 0.22
C VAL A 127 17.44 4.58 0.37
N GLN A 128 17.69 5.64 1.15
CA GLN A 128 19.07 6.01 1.45
C GLN A 128 19.84 4.86 2.07
N ARG A 129 19.26 4.23 3.10
CA ARG A 129 19.94 3.11 3.75
C ARG A 129 20.09 1.93 2.81
N LEU A 130 19.07 1.68 1.98
CA LEU A 130 19.15 0.59 1.01
C LEU A 130 20.27 0.83 0.02
N LEU A 131 20.45 2.08 -0.44
CA LEU A 131 21.54 2.39 -1.33
C LEU A 131 22.90 2.29 -0.65
N ALA A 132 22.94 2.39 0.68
CA ALA A 132 24.20 2.39 1.40
C ALA A 132 24.64 1.01 1.86
N VAL A 133 23.76 -0.01 1.86
CA VAL A 133 24.17 -1.30 2.36
C VAL A 133 25.26 -1.88 1.47
N ARG A 134 26.27 -2.48 2.08
CA ARG A 134 27.27 -3.21 1.32
C ARG A 134 26.60 -4.37 0.60
N ALA A 135 26.90 -4.53 -0.69
CA ALA A 135 26.24 -5.57 -1.45
C ALA A 135 26.98 -5.81 -2.75
N HIS A 136 26.75 -6.99 -3.31
CA HIS A 136 27.22 -7.32 -4.65
C HIS A 136 26.55 -6.39 -5.64
N LYS A 137 27.25 -6.12 -6.75
CA LYS A 137 26.70 -5.14 -7.69
C LYS A 137 25.40 -5.61 -8.32
N ARG A 138 25.21 -6.93 -8.47
CA ARG A 138 23.92 -7.41 -8.99
C ARG A 138 22.79 -7.09 -8.03
N THR A 139 23.06 -7.14 -6.72
CA THR A 139 22.08 -6.73 -5.73
C THR A 139 21.76 -5.25 -5.88
N LYS A 140 22.79 -4.43 -6.06
CA LYS A 140 22.58 -2.99 -6.20
C LYS A 140 21.80 -2.69 -7.47
N ALA A 141 22.07 -3.42 -8.55
CA ALA A 141 21.34 -3.23 -9.80
C ALA A 141 19.85 -3.55 -9.64
N MET A 142 19.53 -4.65 -8.96
CA MET A 142 18.13 -5.00 -8.75
C MET A 142 17.41 -3.90 -7.98
N ILE A 143 18.05 -3.37 -6.94
CA ILE A 143 17.45 -2.29 -6.15
C ILE A 143 17.24 -1.05 -7.02
N LEU A 144 18.25 -0.69 -7.82
CA LEU A 144 18.13 0.51 -8.64
C LEU A 144 17.04 0.37 -9.70
N LEU A 145 16.90 -0.82 -10.28
CA LEU A 145 15.87 -0.99 -11.30
C LEU A 145 14.47 -0.89 -10.71
N ALA A 146 14.28 -1.44 -9.52
CA ALA A 146 12.98 -1.35 -8.86
C ALA A 146 12.69 0.09 -8.41
N ALA A 147 13.66 0.72 -7.75
CA ALA A 147 13.38 2.00 -7.09
C ALA A 147 13.49 3.18 -8.04
N PHE A 148 14.34 3.10 -9.06
CA PHE A 148 14.60 4.25 -9.93
C PHE A 148 14.14 4.04 -11.36
N GLN A 149 13.61 2.86 -11.71
CA GLN A 149 12.89 2.69 -12.97
C GLN A 149 11.49 2.12 -12.78
N GLY A 150 11.11 1.76 -11.55
CA GLY A 150 9.79 1.20 -11.32
C GLY A 150 9.57 -0.19 -11.87
N LEU A 151 10.63 -0.96 -12.09
CA LEU A 151 10.48 -2.28 -12.70
C LEU A 151 9.93 -3.28 -11.69
N ARG A 152 9.07 -4.18 -12.19
CA ARG A 152 8.59 -5.32 -11.42
C ARG A 152 9.66 -6.42 -11.42
N VAL A 153 9.53 -7.35 -10.46
CA VAL A 153 10.63 -8.30 -10.27
C VAL A 153 10.85 -9.17 -11.50
N HIS A 154 9.79 -9.53 -12.24
CA HIS A 154 10.04 -10.33 -13.44
C HIS A 154 10.68 -9.49 -14.54
N GLU A 155 10.36 -8.20 -14.59
CA GLU A 155 11.03 -7.30 -15.54
C GLU A 155 12.50 -7.14 -15.21
N ILE A 156 12.82 -6.97 -13.91
CA ILE A 156 14.20 -6.93 -13.47
C ILE A 156 14.93 -8.20 -13.87
N ALA A 157 14.35 -9.36 -13.56
CA ALA A 157 15.06 -10.62 -13.76
C ALA A 157 15.48 -10.84 -15.20
N GLN A 158 14.70 -10.37 -16.16
CA GLN A 158 14.96 -10.64 -17.57
C GLN A 158 15.79 -9.56 -18.25
N ILE A 159 16.22 -8.51 -17.54
CA ILE A 159 16.85 -7.39 -18.21
C ILE A 159 18.18 -7.81 -18.82
N LYS A 160 18.46 -7.27 -20.01
CA LYS A 160 19.72 -7.52 -20.71
C LYS A 160 20.36 -6.19 -21.05
N GLY A 161 21.69 -6.20 -21.17
CA GLY A 161 22.38 -4.99 -21.59
C GLY A 161 21.87 -4.47 -22.93
N GLU A 162 21.44 -5.37 -23.82
CA GLU A 162 20.98 -4.98 -25.14
C GLU A 162 19.57 -4.41 -25.12
N HIS A 163 18.95 -4.31 -23.94
CA HIS A 163 17.71 -3.57 -23.76
C HIS A 163 17.94 -2.09 -23.46
N LEU A 164 19.18 -1.68 -23.24
CA LEU A 164 19.50 -0.33 -22.83
C LEU A 164 20.32 0.37 -23.89
N ASP A 165 19.95 1.63 -24.16
CA ASP A 165 20.72 2.53 -25.00
C ASP A 165 21.28 3.58 -24.04
N LEU A 166 22.56 3.48 -23.74
CA LEU A 166 23.14 4.38 -22.77
C LEU A 166 23.59 5.69 -23.39
N ILE A 167 23.66 5.74 -24.73
CA ILE A 167 23.97 6.98 -25.45
C ILE A 167 22.77 7.90 -25.47
N GLU A 168 21.58 7.36 -25.70
CA GLU A 168 20.33 8.09 -25.64
C GLU A 168 19.68 8.03 -24.25
N ARG A 169 20.23 7.23 -23.34
CA ARG A 169 19.72 7.04 -21.97
C ARG A 169 18.25 6.60 -21.97
N THR A 170 18.00 5.48 -22.64
CA THR A 170 16.68 4.89 -22.68
C THR A 170 16.81 3.38 -22.49
N MET A 171 15.69 2.75 -22.14
CA MET A 171 15.62 1.30 -22.16
C MET A 171 14.27 0.88 -22.72
N THR A 172 14.20 -0.35 -23.16
CA THR A 172 12.97 -0.94 -23.68
C THR A 172 12.50 -2.00 -22.69
N VAL A 173 11.21 -1.98 -22.37
CA VAL A 173 10.60 -2.96 -21.49
C VAL A 173 9.16 -3.14 -21.92
N THR A 174 8.54 -4.22 -21.47
CA THR A 174 7.14 -4.44 -21.79
C THR A 174 6.28 -3.37 -21.13
N GLY A 175 5.37 -2.78 -21.90
CA GLY A 175 4.42 -1.84 -21.34
C GLY A 175 3.18 -2.58 -20.88
N LYS A 176 2.08 -2.37 -21.59
CA LYS A 176 0.85 -3.13 -21.37
C LYS A 176 0.78 -4.27 -22.37
N GLY A 177 0.34 -5.43 -21.90
CA GLY A 177 0.18 -6.56 -22.80
C GLY A 177 1.50 -6.98 -23.40
N ASN A 178 1.54 -7.04 -24.73
CA ASN A 178 2.76 -7.34 -25.47
C ASN A 178 3.38 -6.09 -26.10
N VAL A 179 2.86 -4.92 -25.78
CA VAL A 179 3.29 -3.68 -26.43
C VAL A 179 4.51 -3.12 -25.70
N THR A 180 5.62 -3.02 -26.42
CA THR A 180 6.87 -2.50 -25.88
C THR A 180 6.73 -1.02 -25.52
N ALA A 181 7.44 -0.62 -24.46
CA ALA A 181 7.51 0.77 -24.04
C ALA A 181 8.97 1.18 -23.94
N THR A 182 9.24 2.45 -24.19
CA THR A 182 10.58 3.03 -24.06
C THR A 182 10.59 3.98 -22.88
N LEU A 183 11.46 3.69 -21.90
CA LEU A 183 11.58 4.47 -20.68
C LEU A 183 12.86 5.28 -20.70
N PRO A 184 12.85 6.51 -20.21
CA PRO A 184 14.11 7.21 -19.98
C PRO A 184 14.84 6.59 -18.80
N LEU A 185 16.17 6.62 -18.85
CA LEU A 185 16.97 6.03 -17.77
C LEU A 185 17.35 7.09 -16.74
N HIS A 186 17.12 6.76 -15.48
CA HIS A 186 17.67 7.55 -14.38
C HIS A 186 19.19 7.45 -14.39
N HIS A 187 19.86 8.55 -14.01
CA HIS A 187 21.32 8.59 -14.09
C HIS A 187 21.96 7.51 -13.21
N ARG A 188 21.33 7.14 -12.10
CA ARG A 188 21.87 6.05 -11.26
C ARG A 188 21.85 4.73 -12.00
N VAL A 189 20.88 4.53 -12.88
CA VAL A 189 20.80 3.29 -13.64
C VAL A 189 21.76 3.33 -14.82
N VAL A 190 21.91 4.49 -15.47
CA VAL A 190 22.98 4.62 -16.47
C VAL A 190 24.32 4.25 -15.84
N GLU A 191 24.57 4.76 -14.63
CA GLU A 191 25.86 4.54 -13.98
C GLU A 191 26.12 3.06 -13.75
N ILE A 192 25.17 2.35 -13.14
CA ILE A 192 25.40 0.94 -12.89
C ILE A 192 25.39 0.14 -14.18
N ALA A 193 24.63 0.59 -15.19
CA ALA A 193 24.64 -0.10 -16.48
C ALA A 193 26.04 -0.20 -17.06
N TYR A 194 26.90 0.80 -16.84
CA TYR A 194 28.24 0.71 -17.38
C TYR A 194 29.12 -0.25 -16.58
N GLN A 195 28.60 -0.81 -15.49
CA GLN A 195 29.29 -1.85 -14.73
C GLN A 195 28.66 -3.23 -14.94
N MET A 196 27.69 -3.32 -15.84
CA MET A 196 26.94 -4.54 -16.10
C MET A 196 27.13 -4.95 -17.55
N PRO A 197 26.84 -6.20 -17.89
CA PRO A 197 26.96 -6.63 -19.29
C PRO A 197 26.24 -5.68 -20.22
N ARG A 198 26.91 -5.27 -21.29
CA ARG A 198 26.29 -4.37 -22.26
C ARG A 198 25.47 -5.12 -23.30
N ARG A 199 25.55 -6.45 -23.32
CA ARG A 199 24.78 -7.25 -24.27
C ARG A 199 23.91 -8.28 -23.56
N GLY A 200 24.50 -9.19 -22.79
CA GLY A 200 23.77 -10.31 -22.22
C GLY A 200 22.99 -9.94 -20.96
N HIS A 201 22.48 -10.98 -20.32
CA HIS A 201 21.66 -10.82 -19.11
C HIS A 201 22.46 -10.21 -17.97
N TRP A 202 21.85 -9.24 -17.29
CA TRP A 202 22.43 -8.71 -16.06
C TRP A 202 22.48 -9.76 -14.96
N PHE A 203 21.52 -10.67 -14.96
CA PHE A 203 21.31 -11.62 -13.87
C PHE A 203 21.27 -13.01 -14.47
N PRO A 204 22.42 -13.54 -14.88
CA PRO A 204 22.44 -14.85 -15.49
C PRO A 204 21.95 -15.91 -14.51
N GLY A 205 21.23 -16.87 -15.05
CA GLY A 205 20.68 -17.94 -14.25
C GLY A 205 20.15 -19.04 -15.16
N PRO A 206 19.50 -20.04 -14.55
CA PRO A 206 19.02 -21.19 -15.32
C PRO A 206 17.73 -20.95 -16.07
N ASP A 207 17.09 -19.81 -15.88
CA ASP A 207 15.72 -19.59 -16.33
C ASP A 207 15.74 -18.71 -17.58
N ARG A 208 15.55 -19.32 -18.75
CA ARG A 208 15.65 -18.62 -20.03
C ARG A 208 16.91 -17.76 -20.07
N GLY A 209 17.98 -18.23 -19.44
CA GLY A 209 19.24 -17.53 -19.39
C GLY A 209 19.41 -16.61 -18.20
N HIS A 210 18.36 -16.32 -17.44
CA HIS A 210 18.41 -15.37 -16.34
C HIS A 210 17.93 -16.00 -15.05
N GLN A 211 18.12 -15.26 -13.96
CA GLN A 211 17.66 -15.68 -12.65
C GLN A 211 16.14 -15.75 -12.59
N ARG A 212 15.63 -16.58 -11.69
CA ARG A 212 14.20 -16.67 -11.45
C ARG A 212 13.69 -15.41 -10.76
N ARG A 213 12.45 -15.02 -11.11
CA ARG A 213 11.87 -13.84 -10.48
C ARG A 213 11.82 -13.99 -8.97
N GLU A 214 11.71 -15.22 -8.48
CA GLU A 214 11.62 -15.46 -7.04
C GLU A 214 12.92 -15.09 -6.32
N SER A 215 14.06 -15.33 -6.97
CA SER A 215 15.33 -15.00 -6.32
C SER A 215 15.62 -13.51 -6.41
N VAL A 216 15.09 -12.84 -7.44
CA VAL A 216 15.17 -11.38 -7.47
C VAL A 216 14.31 -10.79 -6.34
N SER A 217 13.10 -11.31 -6.17
CA SER A 217 12.27 -10.88 -5.05
C SER A 217 12.97 -11.19 -3.72
N GLY A 218 13.56 -12.37 -3.59
CA GLY A 218 14.23 -12.72 -2.34
C GLY A 218 15.42 -11.83 -2.06
N THR A 219 16.16 -11.46 -3.10
CA THR A 219 17.32 -10.59 -2.91
C THR A 219 16.91 -9.22 -2.40
N ILE A 220 15.93 -8.61 -3.06
CA ILE A 220 15.48 -7.29 -2.62
C ILE A 220 14.93 -7.36 -1.20
N LYS A 221 14.20 -8.43 -0.87
CA LYS A 221 13.68 -8.57 0.48
C LYS A 221 14.81 -8.66 1.51
N GLU A 222 15.83 -9.48 1.25
CA GLU A 222 16.94 -9.59 2.19
C GLU A 222 17.72 -8.29 2.30
N ALA A 223 17.84 -7.55 1.20
CA ALA A 223 18.54 -6.27 1.27
C ALA A 223 17.76 -5.27 2.11
N MET A 224 16.43 -5.30 2.01
CA MET A 224 15.62 -4.39 2.81
C MET A 224 15.72 -4.72 4.30
N ILE A 225 15.69 -6.02 4.66
CA ILE A 225 15.92 -6.39 6.05
C ILE A 225 17.27 -5.87 6.52
N ARG A 226 18.30 -6.05 5.69
CA ARG A 226 19.63 -5.60 6.09
C ARG A 226 19.67 -4.08 6.27
N ALA A 227 18.90 -3.35 5.46
CA ALA A 227 18.84 -1.90 5.55
C ALA A 227 17.87 -1.41 6.61
N GLY A 228 17.25 -2.30 7.38
CA GLY A 228 16.26 -1.92 8.36
C GLY A 228 14.98 -1.36 7.75
N VAL A 229 14.54 -1.93 6.64
CA VAL A 229 13.39 -1.44 5.90
C VAL A 229 12.35 -2.55 5.81
N VAL A 230 11.10 -2.22 6.11
CA VAL A 230 9.99 -3.15 5.94
C VAL A 230 9.36 -2.89 4.57
N GLY A 231 9.08 -3.96 3.85
CA GLY A 231 8.48 -3.86 2.54
C GLY A 231 9.06 -4.91 1.61
N SER A 232 8.85 -4.68 0.31
CA SER A 232 9.22 -5.66 -0.71
C SER A 232 9.66 -4.92 -1.97
N ALA A 233 9.98 -5.69 -3.01
CA ALA A 233 10.33 -5.09 -4.28
C ALA A 233 9.18 -4.25 -4.82
N HIS A 234 7.94 -4.74 -4.66
CA HIS A 234 6.77 -3.97 -5.04
C HIS A 234 6.75 -2.63 -4.34
N CYS A 235 7.13 -2.60 -3.06
CA CYS A 235 7.12 -1.33 -2.33
C CYS A 235 8.15 -0.36 -2.88
N LEU A 236 9.23 -0.86 -3.51
CA LEU A 236 10.19 0.06 -4.12
C LEU A 236 9.62 0.69 -5.38
N ARG A 237 8.87 -0.10 -6.17
CA ARG A 237 8.16 0.47 -7.32
C ARG A 237 7.12 1.48 -6.88
N HIS A 238 6.52 1.29 -5.70
CA HIS A 238 5.58 2.27 -5.20
C HIS A 238 6.29 3.52 -4.69
N TRP A 239 7.49 3.37 -4.12
CA TRP A 239 8.28 4.55 -3.78
C TRP A 239 8.65 5.34 -5.03
N PHE A 240 8.99 4.64 -6.10
CA PHE A 240 9.27 5.27 -7.39
C PHE A 240 8.17 6.25 -7.77
N GLY A 241 6.93 5.76 -7.80
CA GLY A 241 5.80 6.64 -8.14
C GLY A 241 5.57 7.71 -7.08
N THR A 242 5.56 7.30 -5.81
CA THR A 242 5.31 8.26 -4.74
C THR A 242 6.35 9.37 -4.73
N ALA A 243 7.63 9.00 -4.83
CA ALA A 243 8.69 10.00 -4.78
C ALA A 243 8.66 10.91 -6.00
N LEU A 244 8.26 10.38 -7.17
CA LEU A 244 8.11 11.24 -8.33
C LEU A 244 7.03 12.29 -8.10
N LEU A 245 5.88 11.87 -7.57
CA LEU A 245 4.83 12.83 -7.25
C LEU A 245 5.31 13.87 -6.25
N GLU A 246 6.03 13.42 -5.22
CA GLU A 246 6.56 14.34 -4.22
C GLU A 246 7.57 15.32 -4.81
N ALA A 247 8.19 14.98 -5.94
CA ALA A 247 9.16 15.87 -6.57
C ALA A 247 8.51 16.85 -7.53
N GLY A 248 7.20 16.85 -7.64
CA GLY A 248 6.49 17.78 -8.50
C GLY A 248 6.04 17.21 -9.83
N VAL A 249 6.45 16.00 -10.18
CA VAL A 249 6.09 15.43 -11.46
C VAL A 249 4.58 15.22 -11.51
N ASP A 250 3.96 15.56 -12.63
CA ASP A 250 2.51 15.52 -12.73
C ASP A 250 2.02 14.08 -12.78
N LEU A 251 0.78 13.88 -12.31
CA LEU A 251 0.25 12.53 -12.14
C LEU A 251 0.35 11.72 -13.43
N ARG A 252 0.00 12.34 -14.57
CA ARG A 252 -0.02 11.59 -15.82
C ARG A 252 1.37 11.13 -16.22
N THR A 253 2.37 11.97 -16.03
CA THR A 253 3.75 11.58 -16.34
C THR A 253 4.20 10.42 -15.45
N VAL A 254 3.88 10.48 -14.15
CA VAL A 254 4.24 9.39 -13.24
C VAL A 254 3.61 8.09 -13.72
N GLN A 255 2.34 8.13 -14.11
CA GLN A 255 1.67 6.92 -14.57
C GLN A 255 2.28 6.38 -15.85
N GLU A 256 2.75 7.26 -16.73
CA GLU A 256 3.45 6.82 -17.93
C GLU A 256 4.79 6.18 -17.56
N LEU A 257 5.53 6.80 -16.63
CA LEU A 257 6.82 6.26 -16.22
C LEU A 257 6.65 4.91 -15.52
N MET A 258 5.55 4.74 -14.78
CA MET A 258 5.24 3.47 -14.15
C MET A 258 4.63 2.46 -15.10
N ARG A 259 4.23 2.88 -16.30
CA ARG A 259 3.49 2.01 -17.21
C ARG A 259 2.24 1.47 -16.50
N HIS A 260 1.60 2.37 -15.74
CA HIS A 260 0.44 2.02 -14.92
C HIS A 260 -0.70 1.53 -15.81
N GLN A 261 -1.39 0.48 -15.36
CA GLN A 261 -2.37 -0.16 -16.21
C GLN A 261 -3.69 0.60 -16.29
N SER A 262 -3.83 1.71 -15.58
CA SER A 262 -4.96 2.59 -15.81
C SER A 262 -4.85 3.33 -17.14
N LEU A 263 -3.65 3.38 -17.73
CA LEU A 263 -3.45 3.93 -19.06
C LEU A 263 -3.58 2.83 -20.11
N THR A 264 -3.85 3.24 -21.35
CA THR A 264 -3.85 2.31 -22.46
C THR A 264 -2.42 2.03 -22.90
N SER A 265 -2.23 0.88 -23.55
CA SER A 265 -0.91 0.55 -24.08
C SER A 265 -0.37 1.66 -24.96
N THR A 266 -1.26 2.33 -25.70
CA THR A 266 -0.85 3.43 -26.56
C THR A 266 -0.40 4.64 -25.75
N GLU A 267 -1.15 5.00 -24.71
CA GLU A 267 -0.74 6.11 -23.87
C GLU A 267 0.58 5.82 -23.17
N ILE A 268 0.86 4.55 -22.89
CA ILE A 268 2.10 4.18 -22.21
C ILE A 268 3.28 4.18 -23.19
N ALA A 269 3.08 3.61 -24.38
CA ALA A 269 4.17 3.44 -25.32
C ALA A 269 4.44 4.69 -26.15
N THR A 270 3.55 5.68 -26.16
CA THR A 270 3.78 6.87 -26.95
C THR A 270 5.03 7.58 -26.46
N ARG A 271 5.70 8.28 -27.38
CA ARG A 271 6.89 9.03 -27.06
C ARG A 271 6.73 10.52 -27.37
N VAL A 272 5.49 10.98 -27.58
CA VAL A 272 5.24 12.40 -27.69
C VAL A 272 5.64 13.13 -26.42
N THR A 273 5.58 12.44 -25.27
CA THR A 273 5.92 13.01 -23.97
C THR A 273 7.29 12.58 -23.48
N ASP A 274 8.21 12.25 -24.40
CA ASP A 274 9.52 11.76 -23.98
C ASP A 274 10.24 12.78 -23.09
N GLN A 275 10.20 14.06 -23.47
CA GLN A 275 10.97 15.06 -22.73
C GLN A 275 10.43 15.26 -21.32
N ARG A 276 9.10 15.30 -21.18
CA ARG A 276 8.50 15.41 -19.85
C ARG A 276 8.84 14.20 -19.00
N ARG A 277 8.83 13.01 -19.59
CA ARG A 277 9.18 11.79 -18.86
C ARG A 277 10.63 11.83 -18.40
N ALA A 278 11.54 12.19 -19.31
CA ALA A 278 12.96 12.19 -18.98
C ALA A 278 13.28 13.23 -17.92
N GLU A 279 12.72 14.44 -18.07
CA GLU A 279 12.90 15.46 -17.03
C GLU A 279 12.25 15.04 -15.72
N GLY A 280 11.14 14.30 -15.79
CA GLY A 280 10.50 13.84 -14.57
C GLY A 280 11.35 12.84 -13.80
N ILE A 281 11.83 11.80 -14.49
CA ILE A 281 12.50 10.71 -13.78
C ILE A 281 13.78 11.22 -13.14
N GLU A 282 14.42 12.22 -13.73
CA GLU A 282 15.68 12.71 -13.18
C GLU A 282 15.49 13.47 -11.88
N ARG A 283 14.27 13.90 -11.57
CA ARG A 283 14.02 14.53 -10.27
C ARG A 283 14.10 13.55 -9.12
N LEU A 284 14.09 12.24 -9.40
CA LEU A 284 14.08 11.25 -8.35
C LEU A 284 15.36 11.33 -7.53
N ASP A 285 15.23 11.67 -6.25
CA ASP A 285 16.37 11.91 -5.39
C ASP A 285 16.01 11.55 -3.95
N PRO A 286 16.52 10.44 -3.41
CA PRO A 286 16.13 10.07 -2.04
C PRO A 286 16.72 11.00 -0.99
N PHE A 287 17.64 11.89 -1.36
CA PHE A 287 18.22 12.87 -0.45
C PHE A 287 17.52 14.23 -0.53
N ARG A 288 16.41 14.32 -1.25
CA ARG A 288 15.65 15.55 -1.33
C ARG A 288 15.26 16.05 0.06
N THR A 293 4.17 18.36 -4.87
CA THR A 293 5.13 18.16 -3.80
C THR A 293 4.42 17.75 -2.51
N ARG A 294 3.09 17.71 -2.56
CA ARG A 294 2.26 17.29 -1.43
C ARG A 294 1.33 16.19 -1.92
N VAL A 295 1.60 14.95 -1.50
CA VAL A 295 0.88 13.79 -2.02
C VAL A 295 -0.28 13.48 -1.09
N THR A 296 -1.47 13.34 -1.68
CA THR A 296 -2.71 13.12 -0.94
C THR A 296 -3.15 11.67 -1.10
N ASP A 297 -4.09 11.26 -0.24
CA ASP A 297 -4.66 9.92 -0.35
C ASP A 297 -5.31 9.70 -1.71
N ARG A 298 -5.76 10.78 -2.35
CA ARG A 298 -6.40 10.67 -3.65
C ARG A 298 -5.38 10.42 -4.75
N LEU A 299 -4.29 11.20 -4.76
CA LEU A 299 -3.23 10.98 -5.75
C LEU A 299 -2.64 9.58 -5.62
N LEU A 300 -2.32 9.18 -4.40
CA LEU A 300 -1.71 7.87 -4.19
C LEU A 300 -2.57 6.74 -4.74
N ALA A 301 -3.89 6.91 -4.69
CA ALA A 301 -4.78 5.91 -5.27
C ALA A 301 -4.70 5.89 -6.79
N GLN A 302 -4.20 6.97 -7.40
CA GLN A 302 -4.08 7.03 -8.86
C GLN A 302 -2.96 6.15 -9.39
N ILE A 303 -1.96 5.86 -8.57
CA ILE A 303 -0.82 5.03 -8.96
C ILE A 303 -0.85 3.67 -8.27
N ALA A 304 -1.93 3.37 -7.54
CA ALA A 304 -2.01 2.11 -6.82
C ALA A 304 -2.26 0.95 -7.78
N GLU A 305 -1.96 -0.25 -7.29
CA GLU A 305 -2.10 -1.46 -8.09
C GLU A 305 -2.60 -2.62 -7.23
C1 GOL B . -22.52 9.62 18.63
O1 GOL B . -21.91 8.51 19.24
C2 GOL B . -24.02 9.54 18.87
O2 GOL B . -24.48 10.69 19.53
C3 GOL B . -24.71 9.38 17.52
O3 GOL B . -26.07 9.12 17.72
H11 GOL B . -22.13 10.55 19.06
H12 GOL B . -22.31 9.61 17.56
HO1 GOL B . -20.95 8.53 19.05
H2 GOL B . -24.23 8.65 19.46
HO2 GOL B . -24.30 11.48 18.98
H31 GOL B . -24.60 10.31 16.93
H32 GOL B . -24.25 8.57 16.95
HO3 GOL B . -26.52 9.02 16.86
NA NA C . -14.84 -8.88 27.20
C ACT D . -16.95 6.73 7.16
O ACT D . -15.82 6.89 6.62
OXT ACT D . -17.67 5.85 6.64
CH3 ACT D . -17.38 7.53 8.35
H1 ACT D . -16.59 8.23 8.63
H2 ACT D . -17.59 6.87 9.19
H3 ACT D . -18.28 8.10 8.10
C ACT E . 22.01 -11.46 -28.68
O ACT E . 22.61 -11.01 -27.66
OXT ACT E . 22.73 -11.62 -29.69
CH3 ACT E . 20.54 -11.77 -28.70
H1 ACT E . 20.10 -11.56 -27.73
H2 ACT E . 20.39 -12.82 -28.94
H3 ACT E . 20.04 -11.16 -29.46
#